data_2OW2
#
_entry.id   2OW2
#
_cell.length_a   55.420
_cell.length_b   55.420
_cell.length_c   260.793
_cell.angle_alpha   90.00
_cell.angle_beta   90.00
_cell.angle_gamma   90.00
#
_symmetry.space_group_name_H-M   'P 41 21 2'
#
loop_
_entity.id
_entity.type
_entity.pdbx_description
1 polymer 'Matrix metalloproteinase-9 (MMP-9) (92 kDa type IV collagenase) (92 kDa gelatinase) (Gelatinase B) (GELB)'
2 non-polymer 'ZINC ION'
3 non-polymer 'CALCIUM ION'
4 non-polymer 'CHLORIDE ION'
5 non-polymer '(3R)-4,4-DIFLUORO-3-[(4-METHOXYPHENYL)SULFONYL]BUTANOIC ACID'
6 water water
#
_entity_poly.entity_id   1
_entity_poly.type   'polypeptide(L)'
_entity_poly.pdbx_seq_one_letter_code
;FEGDLKWHHHNITYWIQNYSEDLPRAVIDDAFARAFALWSAVTPLTFTRVYSRDADIVIQFGVAEHGDGYPFDGKDGLLA
HAFPPGPGIQGDAHFDDDELWSLGKGQGYSLFLVAAHQFGHALGLDHSSVPEALMYPMYRFTEGPPLHKDDVNGIRHLY
;
_entity_poly.pdbx_strand_id   A,B
#
loop_
_chem_comp.id
_chem_comp.type
_chem_comp.name
_chem_comp.formula
8MR non-polymer '(3R)-4,4-DIFLUORO-3-[(4-METHOXYPHENYL)SULFONYL]BUTANOIC ACID' 'C11 H12 F2 O5 S'
CA non-polymer 'CALCIUM ION' 'Ca 2'
CL non-polymer 'CHLORIDE ION' 'Cl -1'
ZN non-polymer 'ZINC ION' 'Zn 2'
#
# COMPACT_ATOMS: atom_id res chain seq x y z
N ASP A 4 -7.95 -20.86 -14.12
CA ASP A 4 -7.76 -21.67 -15.36
C ASP A 4 -7.36 -20.83 -16.58
N LEU A 5 -6.74 -19.67 -16.34
CA LEU A 5 -6.32 -18.80 -17.43
C LEU A 5 -4.81 -18.57 -17.39
N LYS A 6 -4.27 -18.02 -18.47
CA LYS A 6 -2.84 -17.72 -18.58
C LYS A 6 -2.70 -16.32 -19.17
N TRP A 7 -1.52 -15.73 -19.08
CA TRP A 7 -1.32 -14.39 -19.65
C TRP A 7 -1.22 -14.55 -21.15
N HIS A 8 -1.90 -13.67 -21.89
CA HIS A 8 -1.87 -13.72 -23.35
C HIS A 8 -0.68 -12.97 -23.91
N HIS A 9 0.03 -12.25 -23.03
CA HIS A 9 1.23 -11.52 -23.42
C HIS A 9 2.40 -12.04 -22.59
N HIS A 10 3.62 -11.85 -23.10
CA HIS A 10 4.82 -12.30 -22.43
C HIS A 10 5.57 -11.15 -21.78
N ASN A 11 5.01 -9.96 -21.92
CA ASN A 11 5.62 -8.77 -21.36
C ASN A 11 4.87 -8.37 -20.08
N ILE A 12 4.99 -9.20 -19.06
CA ILE A 12 4.31 -8.92 -17.80
C ILE A 12 4.94 -7.73 -17.08
N THR A 13 4.11 -7.00 -16.36
CA THR A 13 4.55 -5.84 -15.59
C THR A 13 4.13 -6.04 -14.15
N TYR A 14 4.91 -5.49 -13.23
CA TYR A 14 4.58 -5.60 -11.81
C TYR A 14 4.80 -4.28 -11.13
N TRP A 15 4.03 -4.03 -10.09
CA TRP A 15 4.12 -2.80 -9.35
C TRP A 15 4.16 -3.09 -7.84
N ILE A 16 5.23 -2.64 -7.20
CA ILE A 16 5.40 -2.83 -5.76
C ILE A 16 4.62 -1.73 -5.03
N GLN A 17 3.45 -2.09 -4.51
CA GLN A 17 2.58 -1.12 -3.83
C GLN A 17 3.17 -0.55 -2.56
N ASN A 18 3.42 -1.41 -1.59
CA ASN A 18 3.99 -0.95 -0.34
C ASN A 18 5.07 -1.93 0.09
N TYR A 19 5.75 -1.65 1.21
CA TYR A 19 6.80 -2.54 1.64
C TYR A 19 6.64 -3.12 3.05
N SER A 20 7.49 -4.08 3.35
CA SER A 20 7.51 -4.72 4.65
C SER A 20 8.51 -3.99 5.54
N GLU A 21 8.19 -3.92 6.83
CA GLU A 21 9.05 -3.26 7.79
C GLU A 21 10.28 -4.10 8.16
N ASP A 22 10.36 -5.31 7.64
CA ASP A 22 11.48 -6.20 7.96
C ASP A 22 12.75 -5.97 7.14
N LEU A 23 12.60 -5.47 5.92
CA LEU A 23 13.77 -5.25 5.06
C LEU A 23 13.79 -3.89 4.40
N PRO A 24 14.99 -3.41 4.02
CA PRO A 24 15.18 -2.12 3.35
C PRO A 24 14.49 -2.19 2.00
N ARG A 25 14.00 -1.07 1.51
CA ARG A 25 13.31 -1.06 0.22
C ARG A 25 14.12 -1.67 -0.93
N ALA A 26 15.39 -1.25 -1.05
CA ALA A 26 16.25 -1.76 -2.12
C ALA A 26 16.53 -3.25 -1.97
N VAL A 27 16.47 -3.74 -0.74
CA VAL A 27 16.70 -5.16 -0.50
C VAL A 27 15.51 -5.93 -1.06
N ILE A 28 14.33 -5.40 -0.78
CA ILE A 28 13.07 -5.97 -1.23
C ILE A 28 12.95 -5.95 -2.76
N ASP A 29 13.23 -4.80 -3.36
CA ASP A 29 13.15 -4.66 -4.81
C ASP A 29 13.99 -5.73 -5.49
N ASP A 30 15.24 -5.87 -5.02
CA ASP A 30 16.17 -6.84 -5.56
C ASP A 30 15.60 -8.26 -5.42
N ALA A 31 15.08 -8.54 -4.22
CA ALA A 31 14.49 -9.84 -3.93
C ALA A 31 13.46 -10.18 -5.00
N PHE A 32 12.50 -9.28 -5.20
CA PHE A 32 11.47 -9.47 -6.20
C PHE A 32 12.06 -9.61 -7.60
N ALA A 33 12.97 -8.71 -7.96
CA ALA A 33 13.59 -8.78 -9.28
C ALA A 33 14.21 -10.15 -9.52
N ARG A 34 14.96 -10.63 -8.53
CA ARG A 34 15.61 -11.94 -8.64
C ARG A 34 14.56 -13.06 -8.71
N ALA A 35 13.46 -12.89 -7.97
CA ALA A 35 12.39 -13.88 -7.97
C ALA A 35 11.85 -14.02 -9.41
N PHE A 36 11.43 -12.90 -9.98
CA PHE A 36 10.91 -12.86 -11.35
C PHE A 36 11.95 -13.42 -12.32
N ALA A 37 13.17 -12.92 -12.21
CA ALA A 37 14.27 -13.34 -13.08
C ALA A 37 14.33 -14.86 -13.24
N LEU A 38 13.92 -15.58 -12.19
CA LEU A 38 13.92 -17.05 -12.21
C LEU A 38 13.05 -17.60 -13.34
N TRP A 39 11.83 -17.08 -13.44
CA TRP A 39 10.92 -17.56 -14.46
C TRP A 39 11.28 -17.05 -15.85
N SER A 40 11.58 -15.77 -15.97
CA SER A 40 11.95 -15.18 -17.25
C SER A 40 13.16 -15.89 -17.83
N ALA A 41 13.94 -16.53 -16.95
CA ALA A 41 15.15 -17.23 -17.37
C ALA A 41 14.88 -18.52 -18.16
N VAL A 42 13.75 -19.16 -17.89
CA VAL A 42 13.41 -20.40 -18.59
C VAL A 42 12.21 -20.26 -19.50
N THR A 43 11.82 -19.02 -19.76
CA THR A 43 10.68 -18.76 -20.63
C THR A 43 10.89 -17.45 -21.36
N PRO A 44 10.11 -17.24 -22.43
CA PRO A 44 10.19 -16.01 -23.23
C PRO A 44 9.53 -14.85 -22.50
N LEU A 45 9.17 -15.08 -21.24
CA LEU A 45 8.52 -14.04 -20.44
C LEU A 45 9.51 -13.00 -19.97
N THR A 46 9.00 -11.80 -19.76
CA THR A 46 9.83 -10.70 -19.27
C THR A 46 9.03 -10.03 -18.18
N PHE A 47 9.73 -9.38 -17.26
CA PHE A 47 9.08 -8.70 -16.16
C PHE A 47 9.63 -7.29 -16.02
N THR A 48 8.73 -6.33 -16.10
CA THR A 48 9.11 -4.93 -16.01
C THR A 48 8.39 -4.25 -14.87
N ARG A 49 9.18 -3.62 -14.01
CA ARG A 49 8.65 -2.90 -12.88
C ARG A 49 8.04 -1.57 -13.32
N VAL A 50 6.75 -1.37 -12.99
CA VAL A 50 6.05 -0.15 -13.32
C VAL A 50 5.59 0.54 -12.04
N TYR A 51 4.91 1.66 -12.19
CA TYR A 51 4.42 2.43 -11.05
C TYR A 51 2.95 2.84 -11.16
N SER A 52 2.10 1.94 -11.65
CA SER A 52 0.68 2.23 -11.79
C SER A 52 -0.12 1.00 -11.47
N ARG A 53 -1.40 1.20 -11.11
CA ARG A 53 -2.28 0.09 -10.78
C ARG A 53 -2.45 -0.79 -12.01
N ASP A 54 -2.11 -0.26 -13.18
CA ASP A 54 -2.25 -0.99 -14.43
C ASP A 54 -1.34 -2.21 -14.51
N ALA A 55 -0.37 -2.30 -13.61
CA ALA A 55 0.54 -3.43 -13.61
C ALA A 55 -0.21 -4.75 -13.65
N ASP A 56 0.41 -5.76 -14.26
CA ASP A 56 -0.19 -7.08 -14.35
C ASP A 56 -0.25 -7.66 -12.95
N ILE A 57 0.90 -7.63 -12.29
CA ILE A 57 0.99 -8.16 -10.94
C ILE A 57 1.32 -7.04 -9.98
N VAL A 58 0.44 -6.86 -9.01
CA VAL A 58 0.62 -5.85 -7.99
C VAL A 58 1.04 -6.55 -6.70
N ILE A 59 2.18 -6.11 -6.15
CA ILE A 59 2.74 -6.66 -4.94
C ILE A 59 2.37 -5.82 -3.73
N GLN A 60 1.71 -6.44 -2.76
CA GLN A 60 1.28 -5.76 -1.54
C GLN A 60 1.51 -6.59 -0.28
N PHE A 61 2.00 -5.95 0.77
CA PHE A 61 2.19 -6.62 2.05
C PHE A 61 0.97 -6.21 2.86
N GLY A 62 0.44 -7.12 3.66
CA GLY A 62 -0.71 -6.79 4.46
C GLY A 62 -0.80 -7.55 5.76
N VAL A 63 -1.78 -7.18 6.58
CA VAL A 63 -2.01 -7.83 7.87
C VAL A 63 -3.50 -8.09 8.02
N ALA A 64 -3.84 -9.28 8.51
CA ALA A 64 -5.24 -9.66 8.70
C ALA A 64 -6.05 -9.37 7.44
N GLU A 65 -7.20 -8.71 7.60
CA GLU A 65 -8.05 -8.36 6.47
C GLU A 65 -7.24 -7.37 5.62
N HIS A 66 -7.21 -7.59 4.31
CA HIS A 66 -6.46 -6.70 3.43
C HIS A 66 -7.11 -6.51 2.07
N GLY A 67 -8.43 -6.48 2.06
CA GLY A 67 -9.13 -6.29 0.81
C GLY A 67 -9.89 -7.53 0.37
N ASP A 68 -9.17 -8.59 0.03
CA ASP A 68 -9.80 -9.82 -0.40
C ASP A 68 -10.55 -10.47 0.75
N GLY A 69 -11.05 -11.68 0.52
CA GLY A 69 -11.76 -12.40 1.56
C GLY A 69 -10.86 -13.40 2.26
N TYR A 70 -9.58 -13.36 1.96
CA TYR A 70 -8.64 -14.28 2.59
C TYR A 70 -7.62 -13.52 3.41
N PRO A 71 -8.06 -13.01 4.58
CA PRO A 71 -7.18 -12.26 5.48
C PRO A 71 -6.08 -13.15 6.05
N PHE A 72 -4.94 -12.55 6.39
CA PHE A 72 -3.79 -13.31 6.92
C PHE A 72 -3.91 -13.70 8.39
N ASP A 73 -3.31 -14.83 8.75
CA ASP A 73 -3.37 -15.36 10.11
C ASP A 73 -2.28 -14.91 11.08
N GLY A 74 -1.75 -13.70 10.89
CA GLY A 74 -0.71 -13.26 11.81
C GLY A 74 0.52 -14.16 11.74
N LYS A 75 1.36 -14.13 12.77
CA LYS A 75 2.59 -14.93 12.77
C LYS A 75 2.41 -16.36 12.29
N ASP A 76 3.37 -16.80 11.49
CA ASP A 76 3.34 -18.15 10.93
C ASP A 76 2.04 -18.41 10.21
N GLY A 77 1.83 -19.66 9.82
CA GLY A 77 0.61 -20.02 9.12
C GLY A 77 0.69 -19.47 7.71
N LEU A 78 -0.44 -19.01 7.18
CA LEU A 78 -0.49 -18.45 5.83
C LEU A 78 0.64 -17.41 5.72
N LEU A 79 1.54 -17.62 4.78
CA LEU A 79 2.66 -16.71 4.59
C LEU A 79 2.38 -15.68 3.51
N ALA A 80 1.68 -16.10 2.47
CA ALA A 80 1.35 -15.21 1.36
C ALA A 80 0.50 -15.95 0.33
N HIS A 81 -0.08 -15.19 -0.60
CA HIS A 81 -0.89 -15.79 -1.64
C HIS A 81 -1.00 -14.92 -2.88
N ALA A 82 -1.01 -15.54 -4.04
CA ALA A 82 -1.10 -14.82 -5.30
C ALA A 82 -2.24 -15.33 -6.16
N PHE A 83 -2.97 -14.41 -6.79
CA PHE A 83 -4.08 -14.80 -7.64
C PHE A 83 -3.61 -15.14 -9.04
N PRO A 84 -4.20 -16.17 -9.65
CA PRO A 84 -3.85 -16.62 -11.00
C PRO A 84 -4.15 -15.56 -12.07
N PRO A 85 -3.60 -15.75 -13.28
CA PRO A 85 -3.80 -14.81 -14.39
C PRO A 85 -5.25 -14.42 -14.64
N GLY A 86 -5.46 -13.13 -14.84
CA GLY A 86 -6.78 -12.64 -15.10
C GLY A 86 -6.85 -11.15 -14.92
N PRO A 87 -8.00 -10.54 -15.21
CA PRO A 87 -8.17 -9.10 -15.07
C PRO A 87 -8.39 -8.74 -13.61
N GLY A 88 -8.34 -7.44 -13.32
CA GLY A 88 -8.54 -7.01 -11.95
C GLY A 88 -7.51 -7.60 -11.01
N ILE A 89 -7.94 -7.83 -9.78
CA ILE A 89 -7.08 -8.38 -8.73
C ILE A 89 -6.31 -9.62 -9.21
N GLN A 90 -6.87 -10.33 -10.18
CA GLN A 90 -6.20 -11.52 -10.70
C GLN A 90 -4.74 -11.17 -10.99
N GLY A 91 -3.84 -12.05 -10.58
CA GLY A 91 -2.43 -11.82 -10.81
C GLY A 91 -1.66 -11.19 -9.67
N ASP A 92 -2.34 -10.41 -8.81
CA ASP A 92 -1.64 -9.75 -7.71
C ASP A 92 -1.15 -10.70 -6.61
N ALA A 93 0.03 -10.40 -6.06
CA ALA A 93 0.64 -11.23 -5.03
C ALA A 93 0.64 -10.51 -3.67
N HIS A 94 0.11 -11.18 -2.66
CA HIS A 94 0.03 -10.63 -1.31
C HIS A 94 0.96 -11.33 -0.32
N PHE A 95 1.61 -10.55 0.54
CA PHE A 95 2.53 -11.10 1.53
C PHE A 95 2.11 -10.71 2.95
N ASP A 96 2.08 -11.68 3.86
CA ASP A 96 1.67 -11.44 5.25
C ASP A 96 2.79 -10.73 6.01
N ASP A 97 2.73 -9.39 6.04
CA ASP A 97 3.74 -8.60 6.75
C ASP A 97 3.70 -8.85 8.25
N ASP A 98 2.99 -9.89 8.66
CA ASP A 98 2.94 -10.22 10.08
C ASP A 98 4.00 -11.31 10.31
N GLU A 99 4.60 -11.78 9.22
CA GLU A 99 5.65 -12.79 9.28
C GLU A 99 6.98 -12.07 9.35
N LEU A 100 8.03 -12.80 9.70
CA LEU A 100 9.35 -12.21 9.74
C LEU A 100 10.00 -12.49 8.37
N TRP A 101 10.13 -11.48 7.53
CA TRP A 101 10.75 -11.71 6.24
C TRP A 101 12.26 -11.45 6.26
N SER A 102 13.00 -12.36 5.64
CA SER A 102 14.44 -12.23 5.54
C SER A 102 14.96 -13.01 4.34
N LEU A 103 16.25 -13.32 4.37
CA LEU A 103 16.85 -14.04 3.26
C LEU A 103 17.87 -15.04 3.77
N GLY A 104 18.27 -15.96 2.88
CA GLY A 104 19.23 -16.98 3.22
C GLY A 104 18.99 -17.77 4.49
N LYS A 105 20.08 -18.24 5.09
CA LYS A 105 20.02 -19.00 6.32
C LYS A 105 19.48 -18.10 7.44
N GLY A 106 19.08 -18.70 8.55
CA GLY A 106 18.57 -17.92 9.67
C GLY A 106 17.07 -18.00 9.85
N GLN A 107 16.59 -17.44 10.95
CA GLN A 107 15.16 -17.45 11.22
C GLN A 107 14.42 -16.54 10.24
N GLY A 108 13.12 -16.77 10.11
CA GLY A 108 12.33 -15.98 9.19
C GLY A 108 12.20 -16.70 7.86
N TYR A 109 11.22 -16.29 7.07
CA TYR A 109 11.00 -16.90 5.76
C TYR A 109 11.65 -16.06 4.67
N SER A 110 12.27 -16.72 3.70
CA SER A 110 12.92 -16.02 2.61
C SER A 110 11.89 -15.31 1.73
N LEU A 111 11.96 -13.99 1.71
CA LEU A 111 11.03 -13.22 0.89
C LEU A 111 11.28 -13.66 -0.55
N PHE A 112 12.56 -13.78 -0.90
CA PHE A 112 12.97 -14.20 -2.23
C PHE A 112 12.29 -15.50 -2.69
N LEU A 113 12.54 -16.59 -1.99
CA LEU A 113 11.94 -17.88 -2.35
C LEU A 113 10.42 -17.86 -2.32
N VAL A 114 9.84 -17.25 -1.30
CA VAL A 114 8.38 -17.18 -1.20
C VAL A 114 7.81 -16.38 -2.36
N ALA A 115 8.49 -15.29 -2.73
CA ALA A 115 8.05 -14.45 -3.83
C ALA A 115 7.97 -15.27 -5.11
N ALA A 116 9.09 -15.91 -5.45
CA ALA A 116 9.14 -16.74 -6.65
C ALA A 116 7.90 -17.65 -6.68
N HIS A 117 7.73 -18.43 -5.61
CA HIS A 117 6.59 -19.34 -5.48
C HIS A 117 5.30 -18.63 -5.83
N GLN A 118 5.04 -17.54 -5.13
CA GLN A 118 3.83 -16.77 -5.37
C GLN A 118 3.77 -16.24 -6.80
N PHE A 119 4.91 -15.85 -7.35
CA PHE A 119 4.90 -15.34 -8.71
C PHE A 119 4.47 -16.44 -9.66
N GLY A 120 4.82 -17.69 -9.31
CA GLY A 120 4.42 -18.81 -10.15
C GLY A 120 2.90 -18.89 -10.19
N HIS A 121 2.27 -18.82 -9.02
CA HIS A 121 0.82 -18.87 -8.91
C HIS A 121 0.20 -17.74 -9.72
N ALA A 122 0.80 -16.56 -9.65
CA ALA A 122 0.31 -15.39 -10.39
C ALA A 122 0.53 -15.50 -11.89
N LEU A 123 1.28 -16.52 -12.30
CA LEU A 123 1.56 -16.76 -13.71
C LEU A 123 0.67 -17.88 -14.19
N GLY A 124 0.03 -18.56 -13.25
CA GLY A 124 -0.87 -19.65 -13.62
C GLY A 124 -0.47 -21.01 -13.07
N LEU A 125 0.78 -21.15 -12.62
CA LEU A 125 1.25 -22.42 -12.08
C LEU A 125 0.46 -22.89 -10.87
N ASP A 126 0.25 -24.20 -10.78
CA ASP A 126 -0.45 -24.78 -9.64
C ASP A 126 0.59 -25.49 -8.79
N HIS A 127 0.23 -25.86 -7.57
CA HIS A 127 1.16 -26.53 -6.66
C HIS A 127 1.73 -27.83 -7.15
N SER A 128 3.04 -27.99 -6.99
CA SER A 128 3.74 -29.19 -7.42
C SER A 128 3.63 -30.27 -6.35
N SER A 129 3.80 -31.52 -6.78
CA SER A 129 3.70 -32.67 -5.90
C SER A 129 5.09 -33.12 -5.48
N VAL A 130 6.11 -32.48 -6.03
CA VAL A 130 7.50 -32.79 -5.71
C VAL A 130 7.97 -31.95 -4.51
N PRO A 131 8.47 -32.62 -3.45
CA PRO A 131 8.96 -31.94 -2.25
C PRO A 131 10.16 -31.01 -2.48
N GLU A 132 10.90 -31.25 -3.56
CA GLU A 132 12.06 -30.42 -3.89
C GLU A 132 11.72 -29.30 -4.86
N ALA A 133 10.53 -29.34 -5.44
CA ALA A 133 10.12 -28.30 -6.39
C ALA A 133 9.76 -27.00 -5.66
N LEU A 134 9.94 -25.86 -6.34
CA LEU A 134 9.63 -24.56 -5.76
C LEU A 134 8.13 -24.39 -5.57
N MET A 135 7.34 -25.13 -6.35
CA MET A 135 5.91 -25.00 -6.25
C MET A 135 5.26 -25.94 -5.25
N TYR A 136 6.06 -26.48 -4.36
CA TYR A 136 5.57 -27.37 -3.32
C TYR A 136 4.86 -26.47 -2.31
N PRO A 137 3.61 -26.80 -1.94
CA PRO A 137 2.84 -25.99 -0.98
C PRO A 137 3.43 -25.82 0.42
N MET A 138 4.56 -26.46 0.67
CA MET A 138 5.22 -26.40 1.98
C MET A 138 6.54 -25.62 1.91
N TYR A 139 6.67 -24.56 2.70
CA TYR A 139 7.89 -23.76 2.73
C TYR A 139 9.03 -24.55 3.36
N ARG A 140 10.21 -24.44 2.77
CA ARG A 140 11.39 -25.14 3.28
C ARG A 140 12.58 -24.50 2.60
N PHE A 141 13.38 -23.76 3.36
CA PHE A 141 14.54 -23.08 2.80
C PHE A 141 15.54 -24.07 2.19
N THR A 142 16.16 -23.67 1.09
CA THR A 142 17.15 -24.51 0.41
C THR A 142 18.16 -23.60 -0.26
N GLU A 143 19.34 -24.14 -0.55
CA GLU A 143 20.35 -23.37 -1.24
C GLU A 143 20.44 -23.87 -2.67
N GLY A 144 21.07 -23.09 -3.54
CA GLY A 144 21.19 -23.49 -4.94
C GLY A 144 19.98 -23.14 -5.77
N PRO A 145 19.95 -23.56 -7.06
CA PRO A 145 18.85 -23.29 -8.00
C PRO A 145 17.51 -23.56 -7.35
N PRO A 146 16.67 -22.53 -7.23
CA PRO A 146 15.35 -22.67 -6.63
C PRO A 146 14.44 -23.56 -7.46
N LEU A 147 14.47 -23.34 -8.77
CA LEU A 147 13.64 -24.10 -9.69
C LEU A 147 14.05 -25.55 -9.92
N HIS A 148 13.06 -26.43 -9.91
CA HIS A 148 13.25 -27.85 -10.10
C HIS A 148 12.66 -28.23 -11.47
N LYS A 149 13.23 -29.26 -12.09
CA LYS A 149 12.77 -29.72 -13.40
C LYS A 149 11.26 -29.61 -13.53
N ASP A 150 10.56 -29.98 -12.47
CA ASP A 150 9.11 -29.94 -12.47
C ASP A 150 8.57 -28.50 -12.63
N ASP A 151 9.17 -27.55 -11.93
CA ASP A 151 8.76 -26.15 -11.99
C ASP A 151 8.99 -25.58 -13.41
N VAL A 152 10.12 -25.94 -14.01
CA VAL A 152 10.45 -25.47 -15.34
C VAL A 152 9.52 -26.03 -16.39
N ASN A 153 9.28 -27.34 -16.34
CA ASN A 153 8.39 -27.97 -17.30
C ASN A 153 7.03 -27.30 -17.15
N GLY A 154 6.63 -27.08 -15.91
CA GLY A 154 5.35 -26.45 -15.67
C GLY A 154 5.18 -25.13 -16.39
N ILE A 155 6.04 -24.17 -16.07
CA ILE A 155 5.98 -22.84 -16.67
C ILE A 155 6.14 -22.85 -18.19
N ARG A 156 6.91 -23.80 -18.71
CA ARG A 156 7.11 -23.90 -20.15
C ARG A 156 5.88 -24.50 -20.83
N HIS A 157 5.14 -25.35 -20.13
CA HIS A 157 3.95 -25.94 -20.71
C HIS A 157 2.92 -24.83 -20.91
N LEU A 158 3.11 -23.73 -20.19
CA LEU A 158 2.23 -22.59 -20.27
C LEU A 158 2.73 -21.56 -21.26
N TYR A 159 4.01 -21.22 -21.16
CA TYR A 159 4.60 -20.24 -22.05
C TYR A 159 5.78 -20.79 -22.84
N LEU B 5 -18.85 22.27 -3.36
CA LEU B 5 -18.11 21.04 -3.77
C LEU B 5 -17.93 20.11 -2.56
N LYS B 6 -18.63 18.99 -2.56
CA LYS B 6 -18.56 18.02 -1.47
C LYS B 6 -19.02 16.64 -1.95
N TRP B 7 -18.90 15.65 -1.08
CA TRP B 7 -19.31 14.29 -1.43
C TRP B 7 -20.83 14.21 -1.46
N HIS B 8 -21.35 13.29 -2.26
CA HIS B 8 -22.78 13.09 -2.39
C HIS B 8 -23.27 11.85 -1.64
N HIS B 9 -22.38 11.27 -0.85
CA HIS B 9 -22.72 10.10 -0.04
C HIS B 9 -21.99 10.31 1.28
N HIS B 10 -22.57 9.80 2.35
CA HIS B 10 -21.99 9.94 3.67
C HIS B 10 -21.03 8.82 4.01
N ASN B 11 -21.34 7.61 3.57
CA ASN B 11 -20.48 6.47 3.86
C ASN B 11 -19.19 6.54 3.04
N ILE B 12 -18.30 7.41 3.50
CA ILE B 12 -17.03 7.66 2.85
C ILE B 12 -15.97 6.61 3.16
N THR B 13 -15.12 6.34 2.16
CA THR B 13 -14.07 5.34 2.31
C THR B 13 -12.69 5.88 1.94
N TYR B 14 -11.67 5.22 2.47
CA TYR B 14 -10.29 5.61 2.22
C TYR B 14 -9.38 4.38 2.14
N TRP B 15 -8.17 4.57 1.63
CA TRP B 15 -7.24 3.47 1.50
C TRP B 15 -5.79 3.88 1.72
N ILE B 16 -5.14 3.27 2.71
CA ILE B 16 -3.73 3.57 3.01
C ILE B 16 -2.92 2.78 1.99
N GLN B 17 -2.53 3.42 0.89
CA GLN B 17 -1.78 2.73 -0.15
C GLN B 17 -0.40 2.27 0.30
N ASN B 18 0.35 3.16 0.93
CA ASN B 18 1.68 2.81 1.43
C ASN B 18 1.92 3.52 2.75
N TYR B 19 3.14 3.43 3.26
CA TYR B 19 3.45 4.06 4.53
C TYR B 19 4.72 4.92 4.51
N SER B 20 5.02 5.54 5.65
CA SER B 20 6.21 6.38 5.77
C SER B 20 7.25 5.58 6.54
N GLU B 21 8.53 5.81 6.25
CA GLU B 21 9.57 5.08 6.94
C GLU B 21 9.75 5.57 8.38
N ASP B 22 9.15 6.70 8.70
CA ASP B 22 9.31 7.26 10.04
C ASP B 22 8.47 6.57 11.10
N LEU B 23 7.22 6.28 10.78
CA LEU B 23 6.33 5.63 11.73
C LEU B 23 5.82 4.26 11.28
N PRO B 24 5.51 3.37 12.25
CA PRO B 24 5.01 2.00 12.06
C PRO B 24 3.56 1.96 11.53
N ARG B 25 3.23 0.93 10.75
CA ARG B 25 1.89 0.79 10.21
C ARG B 25 0.83 1.04 11.28
N ALA B 26 0.92 0.28 12.36
CA ALA B 26 -0.01 0.39 13.47
C ALA B 26 -0.26 1.85 13.84
N VAL B 27 0.81 2.60 14.01
CA VAL B 27 0.72 4.01 14.38
C VAL B 27 0.14 4.86 13.26
N ILE B 28 0.55 4.56 12.04
CA ILE B 28 0.06 5.29 10.88
C ILE B 28 -1.42 5.06 10.68
N ASP B 29 -1.83 3.79 10.76
CA ASP B 29 -3.23 3.44 10.57
C ASP B 29 -4.07 4.17 11.61
N ASP B 30 -3.69 4.02 12.88
CA ASP B 30 -4.41 4.65 13.96
C ASP B 30 -4.47 6.17 13.82
N ALA B 31 -3.36 6.76 13.42
CA ALA B 31 -3.28 8.20 13.26
C ALA B 31 -4.34 8.67 12.26
N PHE B 32 -4.32 8.10 11.07
CA PHE B 32 -5.29 8.47 10.06
C PHE B 32 -6.70 8.24 10.57
N ALA B 33 -6.92 7.10 11.22
CA ALA B 33 -8.23 6.77 11.75
C ALA B 33 -8.75 7.85 12.69
N ARG B 34 -7.94 8.22 13.69
CA ARG B 34 -8.34 9.24 14.65
C ARG B 34 -8.59 10.56 13.92
N ALA B 35 -7.81 10.80 12.87
CA ALA B 35 -7.96 12.02 12.08
C ALA B 35 -9.37 12.08 11.49
N PHE B 36 -9.81 10.96 10.91
CA PHE B 36 -11.14 10.89 10.33
C PHE B 36 -12.18 10.96 11.42
N ALA B 37 -11.89 10.29 12.55
CA ALA B 37 -12.79 10.25 13.69
C ALA B 37 -13.20 11.65 14.11
N LEU B 38 -12.30 12.61 13.93
CA LEU B 38 -12.58 13.99 14.31
C LEU B 38 -13.78 14.53 13.53
N TRP B 39 -13.75 14.36 12.22
CA TRP B 39 -14.82 14.83 11.36
C TRP B 39 -16.11 14.04 11.50
N SER B 40 -16.00 12.72 11.56
CA SER B 40 -17.16 11.85 11.70
C SER B 40 -17.80 11.99 13.08
N ALA B 41 -17.28 12.91 13.87
CA ALA B 41 -17.82 13.12 15.21
C ALA B 41 -18.68 14.38 15.27
N VAL B 42 -18.54 15.23 14.26
CA VAL B 42 -19.32 16.45 14.21
C VAL B 42 -20.29 16.41 13.03
N THR B 43 -20.11 15.43 12.16
CA THR B 43 -20.98 15.30 11.00
C THR B 43 -21.50 13.88 10.90
N PRO B 44 -22.57 13.69 10.14
CA PRO B 44 -23.15 12.35 9.97
C PRO B 44 -22.24 11.41 9.17
N LEU B 45 -21.09 11.91 8.72
CA LEU B 45 -20.16 11.12 7.93
C LEU B 45 -19.56 9.96 8.70
N THR B 46 -19.20 8.91 7.98
CA THR B 46 -18.56 7.73 8.55
C THR B 46 -17.42 7.37 7.60
N PHE B 47 -16.40 6.69 8.13
CA PHE B 47 -15.24 6.34 7.32
C PHE B 47 -14.86 4.88 7.40
N THR B 48 -14.85 4.22 6.25
CA THR B 48 -14.51 2.81 6.20
C THR B 48 -13.23 2.61 5.41
N ARG B 49 -12.36 1.75 5.93
CA ARG B 49 -11.09 1.45 5.28
C ARG B 49 -11.32 0.42 4.20
N VAL B 50 -10.63 0.59 3.09
CA VAL B 50 -10.74 -0.34 1.97
C VAL B 50 -9.35 -0.52 1.40
N TYR B 51 -9.23 -1.37 0.39
CA TYR B 51 -7.93 -1.64 -0.19
C TYR B 51 -7.86 -1.64 -1.72
N SER B 52 -8.62 -0.74 -2.34
CA SER B 52 -8.65 -0.63 -3.79
C SER B 52 -8.85 0.82 -4.19
N ARG B 53 -8.54 1.14 -5.44
CA ARG B 53 -8.70 2.50 -5.94
C ARG B 53 -10.14 2.96 -5.92
N ASP B 54 -11.06 2.05 -5.60
CA ASP B 54 -12.47 2.41 -5.57
C ASP B 54 -12.77 3.30 -4.37
N ALA B 55 -11.78 3.49 -3.51
CA ALA B 55 -11.93 4.32 -2.31
C ALA B 55 -12.08 5.80 -2.69
N ASP B 56 -12.81 6.54 -1.87
CA ASP B 56 -13.02 7.97 -2.14
C ASP B 56 -11.73 8.74 -1.89
N ILE B 57 -11.13 8.48 -0.73
CA ILE B 57 -9.89 9.15 -0.37
C ILE B 57 -8.76 8.12 -0.34
N VAL B 58 -7.80 8.27 -1.24
CA VAL B 58 -6.68 7.34 -1.27
C VAL B 58 -5.47 8.05 -0.67
N ILE B 59 -5.00 7.56 0.48
CA ILE B 59 -3.85 8.13 1.16
C ILE B 59 -2.56 7.56 0.56
N GLN B 60 -1.55 8.42 0.38
CA GLN B 60 -0.29 7.97 -0.19
C GLN B 60 0.91 8.81 0.21
N PHE B 61 2.08 8.18 0.28
CA PHE B 61 3.32 8.86 0.63
C PHE B 61 4.21 8.87 -0.59
N GLY B 62 4.97 9.96 -0.77
CA GLY B 62 5.87 10.04 -1.91
C GLY B 62 6.86 11.19 -1.77
N VAL B 63 7.92 11.15 -2.59
CA VAL B 63 8.93 12.22 -2.57
C VAL B 63 9.05 12.71 -3.99
N ALA B 64 9.34 14.00 -4.15
CA ALA B 64 9.49 14.58 -5.48
C ALA B 64 8.32 14.17 -6.38
N GLU B 65 8.64 13.58 -7.54
CA GLU B 65 7.59 13.16 -8.46
C GLU B 65 7.06 11.79 -8.00
N HIS B 66 5.77 11.76 -7.66
CA HIS B 66 5.11 10.55 -7.21
C HIS B 66 3.94 10.20 -8.14
N GLY B 67 4.05 10.65 -9.38
CA GLY B 67 3.05 10.36 -10.39
C GLY B 67 1.66 10.99 -10.35
N ASP B 68 1.57 12.29 -10.58
CA ASP B 68 0.28 12.96 -10.57
C ASP B 68 0.45 14.39 -11.04
N GLY B 69 1.65 14.67 -11.56
CA GLY B 69 1.95 15.99 -12.07
C GLY B 69 2.18 17.07 -11.03
N TYR B 70 2.22 16.69 -9.74
CA TYR B 70 2.42 17.65 -8.67
C TYR B 70 3.50 17.18 -7.70
N PRO B 71 4.78 17.32 -8.08
CA PRO B 71 5.92 16.90 -7.27
C PRO B 71 6.08 17.68 -5.97
N PHE B 72 6.71 17.05 -4.98
CA PHE B 72 6.93 17.72 -3.70
C PHE B 72 8.27 18.44 -3.72
N ASP B 73 8.38 19.43 -2.85
CA ASP B 73 9.56 20.29 -2.74
C ASP B 73 10.70 19.75 -1.88
N GLY B 74 10.53 18.58 -1.28
CA GLY B 74 11.57 18.02 -0.45
C GLY B 74 11.39 18.42 1.01
N LYS B 75 12.47 18.37 1.78
CA LYS B 75 12.42 18.75 3.20
C LYS B 75 11.77 20.11 3.39
N ASP B 76 10.93 20.21 4.42
CA ASP B 76 10.22 21.45 4.74
C ASP B 76 9.43 21.96 3.54
N GLY B 77 8.95 23.21 3.61
CA GLY B 77 8.16 23.75 2.52
C GLY B 77 6.78 23.13 2.55
N LEU B 78 6.33 22.58 1.43
CA LEU B 78 5.01 21.95 1.40
C LEU B 78 5.10 20.66 2.20
N LEU B 79 4.05 20.37 2.95
CA LEU B 79 4.03 19.16 3.78
C LEU B 79 3.23 18.06 3.12
N ALA B 80 2.11 18.43 2.50
CA ALA B 80 1.25 17.46 1.83
C ALA B 80 0.13 18.19 1.08
N HIS B 81 -0.51 17.50 0.15
CA HIS B 81 -1.60 18.10 -0.61
C HIS B 81 -2.77 17.13 -0.79
N ALA B 82 -3.99 17.68 -0.88
CA ALA B 82 -5.18 16.85 -1.04
C ALA B 82 -6.13 17.48 -2.05
N PHE B 83 -6.79 16.66 -2.86
CA PHE B 83 -7.72 17.15 -3.86
C PHE B 83 -9.15 17.10 -3.31
N PRO B 84 -10.02 18.03 -3.77
CA PRO B 84 -11.42 18.09 -3.34
C PRO B 84 -12.27 16.95 -3.90
N PRO B 85 -13.44 16.68 -3.28
CA PRO B 85 -14.33 15.60 -3.75
C PRO B 85 -14.50 15.49 -5.27
N GLY B 86 -14.66 14.26 -5.75
CA GLY B 86 -14.84 14.00 -7.18
C GLY B 86 -14.30 12.62 -7.57
N PRO B 87 -14.37 12.24 -8.86
CA PRO B 87 -13.87 10.94 -9.32
C PRO B 87 -12.36 10.93 -9.57
N GLY B 88 -11.79 9.73 -9.64
CA GLY B 88 -10.37 9.59 -9.88
C GLY B 88 -9.52 10.11 -8.75
N ILE B 89 -8.41 10.75 -9.12
CA ILE B 89 -7.45 11.31 -8.18
C ILE B 89 -8.09 12.30 -7.18
N GLN B 90 -9.26 12.81 -7.54
CA GLN B 90 -9.98 13.75 -6.70
C GLN B 90 -10.30 13.14 -5.36
N GLY B 91 -10.05 13.89 -4.29
CA GLY B 91 -10.31 13.42 -2.95
C GLY B 91 -9.12 12.77 -2.29
N ASP B 92 -8.10 12.44 -3.08
CA ASP B 92 -6.90 11.81 -2.55
C ASP B 92 -6.02 12.73 -1.71
N ALA B 93 -5.29 12.13 -0.78
CA ALA B 93 -4.41 12.87 0.12
C ALA B 93 -3.00 12.27 0.05
N HIS B 94 -2.03 13.11 -0.28
CA HIS B 94 -0.63 12.69 -0.41
C HIS B 94 0.31 13.45 0.51
N PHE B 95 1.09 12.71 1.28
CA PHE B 95 2.04 13.32 2.22
C PHE B 95 3.48 13.26 1.70
N ASP B 96 4.19 14.39 1.82
CA ASP B 96 5.57 14.49 1.39
C ASP B 96 6.47 13.76 2.39
N ASP B 97 7.02 12.63 1.97
CA ASP B 97 7.87 11.83 2.84
C ASP B 97 9.29 12.40 3.01
N ASP B 98 9.50 13.62 2.54
CA ASP B 98 10.80 14.27 2.71
C ASP B 98 10.69 15.09 3.98
N GLU B 99 9.62 14.85 4.73
CA GLU B 99 9.34 15.55 5.97
C GLU B 99 9.37 14.50 7.08
N LEU B 100 9.95 14.84 8.22
CA LEU B 100 9.96 13.91 9.34
C LEU B 100 8.55 13.81 9.88
N TRP B 101 7.97 12.62 9.90
CA TRP B 101 6.62 12.43 10.42
C TRP B 101 6.63 11.81 11.81
N SER B 102 5.86 12.40 12.70
CA SER B 102 5.77 11.91 14.08
C SER B 102 4.43 12.33 14.69
N LEU B 103 4.40 12.39 16.02
CA LEU B 103 3.19 12.76 16.75
C LEU B 103 3.57 13.46 18.04
N GLY B 104 2.61 14.13 18.65
CA GLY B 104 2.87 14.83 19.90
C GLY B 104 4.02 15.81 19.83
N LYS B 105 4.46 16.29 20.98
CA LYS B 105 5.56 17.23 21.07
C LYS B 105 6.89 16.63 20.62
N GLY B 106 7.73 17.46 19.99
CA GLY B 106 9.03 17.00 19.55
C GLY B 106 9.35 17.28 18.10
N GLN B 107 10.47 16.72 17.62
CA GLN B 107 10.88 16.91 16.25
C GLN B 107 9.85 16.35 15.27
N GLY B 108 9.88 16.85 14.04
CA GLY B 108 8.97 16.39 13.01
C GLY B 108 7.56 16.98 13.04
N TYR B 109 6.83 16.80 11.94
CA TYR B 109 5.46 17.30 11.86
C TYR B 109 4.52 16.21 12.29
N SER B 110 3.47 16.58 13.03
CA SER B 110 2.50 15.62 13.50
C SER B 110 1.64 15.18 12.33
N LEU B 111 1.73 13.90 11.97
CA LEU B 111 0.96 13.37 10.86
C LEU B 111 -0.52 13.50 11.17
N PHE B 112 -0.88 13.14 12.40
CA PHE B 112 -2.25 13.21 12.86
C PHE B 112 -2.85 14.58 12.55
N LEU B 113 -2.18 15.65 12.99
CA LEU B 113 -2.69 16.99 12.75
C LEU B 113 -2.72 17.39 11.27
N VAL B 114 -1.67 17.02 10.55
CA VAL B 114 -1.57 17.34 9.12
C VAL B 114 -2.60 16.52 8.32
N ALA B 115 -2.73 15.24 8.65
CA ALA B 115 -3.69 14.38 7.95
C ALA B 115 -5.10 14.91 8.15
N ALA B 116 -5.44 15.29 9.38
CA ALA B 116 -6.76 15.83 9.66
C ALA B 116 -7.02 17.00 8.73
N HIS B 117 -6.11 17.97 8.74
CA HIS B 117 -6.23 19.15 7.88
C HIS B 117 -6.45 18.68 6.44
N GLN B 118 -5.53 17.87 5.95
CA GLN B 118 -5.62 17.34 4.60
C GLN B 118 -6.97 16.72 4.33
N PHE B 119 -7.45 15.90 5.25
CA PHE B 119 -8.74 15.27 5.11
C PHE B 119 -9.83 16.34 5.04
N GLY B 120 -9.55 17.51 5.61
CA GLY B 120 -10.50 18.60 5.56
C GLY B 120 -10.75 18.97 4.11
N HIS B 121 -9.68 19.19 3.37
CA HIS B 121 -9.78 19.52 1.95
C HIS B 121 -10.37 18.36 1.17
N ALA B 122 -9.96 17.15 1.54
CA ALA B 122 -10.45 15.94 0.87
C ALA B 122 -11.97 15.84 0.99
N LEU B 123 -12.52 16.50 2.00
CA LEU B 123 -13.96 16.50 2.25
C LEU B 123 -14.64 17.71 1.64
N GLY B 124 -13.86 18.57 1.00
CA GLY B 124 -14.43 19.74 0.38
C GLY B 124 -14.28 21.03 1.17
N LEU B 125 -13.54 20.99 2.28
CA LEU B 125 -13.35 22.20 3.07
C LEU B 125 -12.18 23.05 2.58
N ASP B 126 -12.42 24.34 2.48
CA ASP B 126 -11.38 25.26 2.06
C ASP B 126 -10.65 25.75 3.30
N HIS B 127 -9.78 26.74 3.15
CA HIS B 127 -9.04 27.24 4.30
C HIS B 127 -9.83 28.18 5.19
N SER B 128 -9.53 28.10 6.48
CA SER B 128 -10.17 28.94 7.50
C SER B 128 -9.33 30.16 7.81
N SER B 129 -9.98 31.26 8.16
CA SER B 129 -9.26 32.49 8.49
C SER B 129 -8.82 32.50 9.95
N VAL B 130 -9.49 31.71 10.79
CA VAL B 130 -9.15 31.63 12.21
C VAL B 130 -7.84 30.87 12.40
N PRO B 131 -6.82 31.53 12.95
CA PRO B 131 -5.51 30.90 13.19
C PRO B 131 -5.62 29.64 14.02
N GLU B 132 -6.31 29.75 15.14
CA GLU B 132 -6.50 28.64 16.07
C GLU B 132 -7.35 27.51 15.47
N ALA B 133 -7.89 27.74 14.28
CA ALA B 133 -8.70 26.73 13.60
C ALA B 133 -7.80 25.73 12.87
N LEU B 134 -8.24 24.48 12.81
CA LEU B 134 -7.48 23.42 12.16
C LEU B 134 -7.20 23.72 10.68
N MET B 135 -8.24 24.12 9.96
CA MET B 135 -8.13 24.41 8.53
C MET B 135 -7.35 25.67 8.21
N TYR B 136 -6.75 26.26 9.23
CA TYR B 136 -5.94 27.45 9.05
C TYR B 136 -4.75 26.99 8.20
N PRO B 137 -4.47 27.69 7.10
CA PRO B 137 -3.37 27.36 6.19
C PRO B 137 -1.98 27.16 6.79
N MET B 138 -1.75 27.64 8.00
CA MET B 138 -0.44 27.50 8.64
C MET B 138 -0.37 26.36 9.66
N TYR B 139 0.76 25.67 9.67
CA TYR B 139 0.99 24.58 10.61
C TYR B 139 1.56 25.10 11.92
N ARG B 140 1.26 24.39 13.01
CA ARG B 140 1.74 24.76 14.32
C ARG B 140 1.12 23.75 15.28
N PHE B 141 1.97 23.00 15.97
CA PHE B 141 1.50 22.00 16.91
C PHE B 141 0.83 22.65 18.12
N THR B 142 -0.35 22.14 18.48
CA THR B 142 -1.11 22.66 19.60
C THR B 142 -1.90 21.52 20.26
N GLU B 143 -1.71 21.32 21.55
CA GLU B 143 -2.43 20.26 22.25
C GLU B 143 -3.91 20.58 22.41
N GLY B 144 -4.72 19.53 22.60
CA GLY B 144 -6.16 19.72 22.75
C GLY B 144 -6.93 19.44 21.48
N PRO B 145 -8.27 19.51 21.52
CA PRO B 145 -9.14 19.26 20.36
C PRO B 145 -8.68 20.04 19.15
N PRO B 146 -8.33 19.33 18.07
CA PRO B 146 -7.86 20.01 16.85
C PRO B 146 -8.92 20.89 16.20
N LEU B 147 -10.15 20.39 16.16
CA LEU B 147 -11.27 21.11 15.54
C LEU B 147 -11.72 22.37 16.27
N HIS B 148 -11.70 23.49 15.55
CA HIS B 148 -12.10 24.78 16.09
C HIS B 148 -13.57 25.04 15.75
N LYS B 149 -14.24 25.81 16.60
CA LYS B 149 -15.66 26.13 16.39
C LYS B 149 -15.92 26.50 14.94
N ASP B 150 -14.93 27.09 14.28
CA ASP B 150 -15.06 27.49 12.89
C ASP B 150 -15.11 26.26 11.98
N ASP B 151 -14.09 25.41 12.08
CA ASP B 151 -14.03 24.19 11.27
C ASP B 151 -15.34 23.40 11.42
N VAL B 152 -15.80 23.27 12.66
CA VAL B 152 -17.01 22.54 12.97
C VAL B 152 -18.22 23.14 12.27
N ASN B 153 -18.14 24.43 11.94
CA ASN B 153 -19.26 25.08 11.27
C ASN B 153 -19.19 24.77 9.79
N GLY B 154 -18.08 25.13 9.17
CA GLY B 154 -17.89 24.88 7.76
C GLY B 154 -18.14 23.44 7.37
N ILE B 155 -17.57 22.51 8.13
CA ILE B 155 -17.77 21.09 7.82
C ILE B 155 -19.24 20.75 7.96
N ARG B 156 -19.91 21.38 8.93
CA ARG B 156 -21.33 21.16 9.16
C ARG B 156 -22.14 21.85 8.07
N HIS B 157 -21.53 22.82 7.41
CA HIS B 157 -22.17 23.56 6.34
C HIS B 157 -22.29 22.68 5.10
N LEU B 158 -21.24 21.95 4.78
CA LEU B 158 -21.25 21.07 3.62
C LEU B 158 -22.12 19.84 3.86
N TYR B 159 -21.81 19.08 4.91
CA TYR B 159 -22.57 17.87 5.20
C TYR B 159 -23.46 18.00 6.43
ZN ZN C . 1.23 -21.80 -3.08
ZN ZN D . -4.77 -11.27 -0.28
CA CA E . 0.65 -15.67 8.54
CA CA F . 7.04 -8.46 9.22
CA CA G . 17.37 -14.90 7.90
CL CL H . 16.88 -16.61 0.20
CL CL I . 5.04 1.04 2.40
CAI 8MR J . 7.97 -21.70 -0.25
OAH 8MR J . 6.93 -21.15 -1.07
CAG 8MR J . 5.78 -21.07 -0.34
CAQ 8MR J . 5.44 -19.90 0.33
CAP 8MR J . 4.25 -19.81 1.04
CAF 8MR J . 4.92 -22.16 -0.29
CAE 8MR J . 3.73 -22.07 0.43
CAO 8MR J . 3.39 -20.91 1.09
SAN 8MR J . 1.87 -20.81 1.95
OAS 8MR J . 1.37 -19.39 1.98
OAD 8MR J . 2.06 -21.28 3.36
CAM 8MR J . 0.66 -21.88 1.09
CAB 8MR J . -0.10 -22.79 2.05
FA 8MR J . 0.77 -23.64 2.69
FB 8MR J . -1.04 -23.54 1.36
CAL 8MR J . -0.31 -21.05 0.22
CAK 8MR J . 0.43 -20.39 -0.94
OAR 8MR J . 0.06 -19.24 -1.26
OAJ 8MR J . 1.34 -21.04 -1.48
ZN ZN K . -4.27 23.18 3.51
ZN ZN L . 0.43 14.07 -5.09
CA CA M . 8.25 19.49 1.13
CA CA N . 7.18 14.25 18.26
CA CA O . 9.82 11.27 6.22
CAI 8MR P . -1.84 21.87 10.25
OAH 8MR P . -2.59 22.26 9.10
CAG 8MR P . -1.77 22.36 8.02
CAQ 8MR P . -1.54 21.25 7.22
CAP 8MR P . -0.73 21.36 6.09
CAF 8MR P . -1.17 23.58 7.72
CAE 8MR P . -0.36 23.70 6.60
CAO 8MR P . -0.14 22.59 5.78
SAN 8MR P . 0.71 22.78 4.26
OAS 8MR P . 1.50 21.55 3.94
OAD 8MR P . 1.65 23.95 4.36
CAM 8MR P . -0.56 23.09 2.96
CAB 8MR P . 0.14 23.41 1.63
FA 8MR P . 0.95 22.35 1.24
FB 8MR P . 0.90 24.55 1.75
CAL 8MR P . -1.48 21.88 2.82
CAK 8MR P . -2.65 22.18 1.88
OAR 8MR P . -3.07 23.36 1.85
OAJ 8MR P . -3.12 21.23 1.22
#